data_7E2T
#
_entry.id   7E2T
#
_cell.length_a   32.465
_cell.length_b   64.695
_cell.length_c   106.521
_cell.angle_alpha   90.000
_cell.angle_beta   90.000
_cell.angle_gamma   90.000
#
_symmetry.space_group_name_H-M   'P 21 21 21'
#
loop_
_entity.id
_entity.type
_entity.pdbx_description
1 polymer 'Ycf53-like protein'
2 non-polymer '3-[2-[(~{Z})-[5-[(~{Z})-[(4~{R})-3-ethylidene-4-methyl-5-oxidanylidene-pyrrolidin-2-ylidene]methyl]-3-(3-hydroxy-3-oxopropyl)-4-methyl-pyrrol-2-ylidene]methyl]-5-[(~{Z})-(4-ethyl-3-methyl-5-oxidanylidene-pyrrol-2-ylidene)methyl]-4-methyl-1~{H}-pyrrol-3-yl]propanoic acid'
3 non-polymer 'CHLORIDE ION'
4 water water
#
_entity_poly.entity_id   1
_entity_poly.type   'polypeptide(L)'
_entity_poly.pdbx_seq_one_letter_code
;MSDNLTELSQQLHDASEKKQLTAIAALAEMGEGGQGILLDYLAKNVPLEKPVLAVGNVYQTLRNLEQETITTQLQRNYPT
GIFPLQSAQGIDYLPLQEALGSQDFETADEITRDKLCELAGPGASQRQWLYFTEVEKFPALDLHTINALWWLHSNGNFGF
SVQRRLWLASGKEFTKLWPKIGWKSGNVWTRWPKGFTWDLSAPQGHLPLLNQLRGVRVAESLYRHPVWSQYGW
;
_entity_poly.pdbx_strand_id   A
#
# COMPACT_ATOMS: atom_id res chain seq x y z
N ASN A 4 23.70 -6.86 -18.92
CA ASN A 4 23.09 -7.63 -20.01
C ASN A 4 21.57 -7.41 -20.00
N LEU A 5 21.11 -6.52 -20.88
CA LEU A 5 19.70 -6.19 -20.92
C LEU A 5 18.85 -7.38 -21.34
N THR A 6 19.32 -8.17 -22.32
CA THR A 6 18.53 -9.32 -22.77
C THR A 6 18.29 -10.29 -21.62
N GLU A 7 19.35 -10.62 -20.89
CA GLU A 7 19.21 -11.58 -19.81
C GLU A 7 18.40 -11.02 -18.66
N LEU A 8 18.57 -9.73 -18.35
CA LEU A 8 17.76 -9.11 -17.29
C LEU A 8 16.29 -9.02 -17.71
N SER A 9 16.03 -8.71 -18.98
CA SER A 9 14.66 -8.75 -19.45
C SER A 9 14.07 -10.14 -19.29
N GLN A 10 14.85 -11.16 -19.65
CA GLN A 10 14.34 -12.51 -19.51
C GLN A 10 14.05 -12.84 -18.06
N GLN A 11 14.92 -12.40 -17.15
CA GLN A 11 14.73 -12.63 -15.73
C GLN A 11 13.44 -11.97 -15.25
N LEU A 12 13.14 -10.77 -15.73
CA LEU A 12 11.89 -10.09 -15.38
C LEU A 12 10.68 -10.84 -15.91
N HIS A 13 10.78 -11.41 -17.11
CA HIS A 13 9.63 -12.08 -17.72
C HIS A 13 9.47 -13.53 -17.30
N ASP A 14 10.48 -14.09 -16.66
CA ASP A 14 10.35 -15.40 -16.02
C ASP A 14 9.41 -15.29 -14.83
N ALA A 15 9.15 -16.41 -14.14
CA ALA A 15 8.07 -16.50 -13.17
C ALA A 15 8.51 -16.42 -11.71
N SER A 16 9.79 -16.29 -11.45
CA SER A 16 10.26 -16.20 -10.07
C SER A 16 10.14 -14.77 -9.56
N GLU A 17 9.28 -14.55 -8.57
N GLU A 17 9.34 -14.59 -8.52
CA GLU A 17 9.15 -13.20 -8.05
CA GLU A 17 9.09 -13.25 -8.00
C GLU A 17 10.48 -12.69 -7.53
C GLU A 17 10.34 -12.66 -7.34
N LYS A 18 11.15 -13.48 -6.68
CA LYS A 18 12.41 -12.98 -6.11
C LYS A 18 13.41 -12.55 -7.18
N LYS A 19 13.50 -13.29 -8.29
CA LYS A 19 14.42 -12.90 -9.35
C LYS A 19 13.88 -11.73 -10.17
N GLN A 20 12.55 -11.56 -10.25
CA GLN A 20 12.02 -10.37 -10.89
C GLN A 20 12.48 -9.12 -10.16
N LEU A 21 12.43 -9.13 -8.82
CA LEU A 21 12.73 -7.91 -8.08
C LEU A 21 14.18 -7.47 -8.23
N THR A 22 15.13 -8.42 -8.23
CA THR A 22 16.53 -8.02 -8.41
C THR A 22 16.75 -7.53 -9.84
N ALA A 23 16.06 -8.13 -10.81
CA ALA A 23 16.18 -7.67 -12.18
C ALA A 23 15.64 -6.26 -12.34
N ILE A 24 14.51 -5.96 -11.70
CA ILE A 24 13.92 -4.63 -11.80
C ILE A 24 14.89 -3.57 -11.28
N ALA A 25 15.47 -3.81 -10.10
CA ALA A 25 16.39 -2.83 -9.53
C ALA A 25 17.61 -2.60 -10.43
N ALA A 26 18.11 -3.67 -11.05
CA ALA A 26 19.25 -3.53 -11.96
C ALA A 26 18.86 -2.78 -13.22
N LEU A 27 17.70 -3.12 -13.80
CA LEU A 27 17.28 -2.50 -15.06
C LEU A 27 17.08 -1.00 -14.91
N ALA A 28 16.57 -0.57 -13.77
CA ALA A 28 16.27 0.86 -13.61
C ALA A 28 17.52 1.72 -13.63
N GLU A 29 18.67 1.14 -13.30
CA GLU A 29 19.94 1.84 -13.34
C GLU A 29 20.69 1.68 -14.66
N MET A 30 20.02 1.18 -15.69
CA MET A 30 20.64 0.93 -16.98
C MET A 30 20.06 1.82 -18.08
N GLY A 31 19.77 3.05 -17.72
CA GLY A 31 19.47 4.06 -18.70
C GLY A 31 18.27 3.74 -19.56
N GLU A 32 18.30 4.26 -20.79
CA GLU A 32 17.16 4.17 -21.69
C GLU A 32 16.79 2.72 -21.97
N GLY A 33 17.80 1.87 -22.19
CA GLY A 33 17.50 0.48 -22.51
C GLY A 33 16.80 -0.24 -21.37
N GLY A 34 17.33 -0.08 -20.15
CA GLY A 34 16.72 -0.73 -19.01
C GLY A 34 15.38 -0.14 -18.66
N GLN A 35 15.27 1.18 -18.70
CA GLN A 35 14.01 1.82 -18.39
C GLN A 35 12.96 1.49 -19.45
N GLY A 36 13.37 1.34 -20.70
CA GLY A 36 12.43 0.95 -21.73
C GLY A 36 11.86 -0.44 -21.50
N ILE A 37 12.70 -1.37 -21.02
CA ILE A 37 12.20 -2.71 -20.71
C ILE A 37 11.16 -2.63 -19.61
N LEU A 38 11.42 -1.83 -18.58
CA LEU A 38 10.47 -1.66 -17.48
C LEU A 38 9.18 -1.00 -17.96
N LEU A 39 9.26 0.03 -18.83
CA LEU A 39 8.04 0.67 -19.34
C LEU A 39 7.20 -0.34 -20.14
N ASP A 40 7.85 -1.18 -20.94
CA ASP A 40 7.10 -2.18 -21.70
C ASP A 40 6.41 -3.17 -20.77
N TYR A 41 7.08 -3.54 -19.67
CA TYR A 41 6.47 -4.45 -18.71
C TYR A 41 5.19 -3.84 -18.14
N LEU A 42 5.21 -2.55 -17.80
CA LEU A 42 3.96 -1.91 -17.37
C LEU A 42 2.91 -1.95 -18.46
N ALA A 43 3.29 -1.64 -19.71
CA ALA A 43 2.29 -1.56 -20.78
C ALA A 43 1.58 -2.89 -20.95
N LYS A 44 2.27 -3.99 -20.68
CA LYS A 44 1.71 -5.33 -20.86
C LYS A 44 1.00 -5.85 -19.62
N ASN A 45 1.06 -5.14 -18.50
CA ASN A 45 0.52 -5.66 -17.25
C ASN A 45 -0.39 -4.69 -16.50
N VAL A 46 -0.66 -3.50 -17.02
CA VAL A 46 -1.48 -2.48 -16.36
C VAL A 46 -2.64 -2.18 -17.29
N PRO A 47 -3.88 -2.01 -16.80
CA PRO A 47 -4.29 -2.07 -15.39
C PRO A 47 -4.22 -3.46 -14.81
N LEU A 48 -3.88 -3.52 -13.54
CA LEU A 48 -3.93 -4.77 -12.82
C LEU A 48 -5.37 -5.18 -12.58
N GLU A 49 -5.59 -6.50 -12.55
CA GLU A 49 -6.82 -7.05 -12.01
C GLU A 49 -6.61 -7.41 -10.55
N LYS A 50 -5.72 -8.33 -10.28
N LYS A 50 -5.71 -8.30 -10.28
CA LYS A 50 -5.28 -8.61 -8.93
CA LYS A 50 -5.28 -8.62 -8.93
C LYS A 50 -4.02 -7.81 -8.63
C LYS A 50 -3.97 -7.91 -8.62
N PRO A 51 -3.73 -7.54 -7.36
CA PRO A 51 -2.46 -6.88 -7.02
C PRO A 51 -1.31 -7.84 -7.32
N VAL A 52 -0.29 -7.34 -8.01
CA VAL A 52 0.91 -8.09 -8.31
C VAL A 52 2.08 -7.23 -7.87
N LEU A 53 2.85 -7.70 -6.89
CA LEU A 53 3.87 -6.87 -6.26
CA LEU A 53 3.87 -6.87 -6.27
C LEU A 53 4.90 -6.39 -7.28
N ALA A 54 5.32 -7.27 -8.18
CA ALA A 54 6.37 -6.90 -9.11
C ALA A 54 5.93 -5.73 -9.98
N VAL A 55 4.65 -5.68 -10.35
CA VAL A 55 4.17 -4.58 -11.17
C VAL A 55 4.18 -3.27 -10.38
N GLY A 56 3.75 -3.31 -9.12
CA GLY A 56 3.89 -2.14 -8.27
C GLY A 56 5.34 -1.69 -8.16
N ASN A 57 6.26 -2.64 -8.00
CA ASN A 57 7.67 -2.31 -7.88
CA ASN A 57 7.67 -2.29 -7.89
C ASN A 57 8.21 -1.67 -9.16
N VAL A 58 7.79 -2.16 -10.32
CA VAL A 58 8.23 -1.53 -11.57
C VAL A 58 7.77 -0.08 -11.63
N TYR A 59 6.47 0.12 -11.42
CA TYR A 59 5.92 1.47 -11.46
C TYR A 59 6.65 2.37 -10.49
N GLN A 60 6.76 1.93 -9.25
CA GLN A 60 7.28 2.80 -8.21
C GLN A 60 8.78 3.05 -8.40
N THR A 61 9.52 2.03 -8.83
CA THR A 61 10.94 2.23 -9.13
C THR A 61 11.12 3.31 -10.21
N LEU A 62 10.32 3.25 -11.26
CA LEU A 62 10.38 4.28 -12.29
C LEU A 62 9.97 5.64 -11.76
N ARG A 63 8.91 5.73 -10.95
CA ARG A 63 8.55 7.03 -10.37
C ARG A 63 9.70 7.57 -9.53
N ASN A 64 10.37 6.69 -8.79
CA ASN A 64 11.36 7.13 -7.83
C ASN A 64 12.60 7.68 -8.49
N LEU A 65 12.81 7.42 -9.79
CA LEU A 65 13.91 8.07 -10.52
C LEU A 65 13.72 9.58 -10.55
N GLU A 66 12.46 10.04 -10.50
CA GLU A 66 12.13 11.45 -10.54
C GLU A 66 12.77 12.15 -11.74
N GLN A 67 12.70 11.50 -12.91
CA GLN A 67 13.17 12.06 -14.16
C GLN A 67 11.99 12.57 -14.97
N GLU A 68 12.13 13.77 -15.54
CA GLU A 68 11.02 14.44 -16.18
C GLU A 68 10.28 13.52 -17.14
N THR A 69 10.98 12.96 -18.12
CA THR A 69 10.27 12.29 -19.20
C THR A 69 9.57 11.03 -18.70
N ILE A 70 10.24 10.21 -17.90
CA ILE A 70 9.58 9.02 -17.33
CA ILE A 70 9.57 9.03 -17.37
C ILE A 70 8.35 9.43 -16.52
N THR A 71 8.50 10.44 -15.67
CA THR A 71 7.36 10.88 -14.87
C THR A 71 6.20 11.36 -15.73
N THR A 72 6.49 12.17 -16.77
CA THR A 72 5.46 12.61 -17.72
C THR A 72 4.77 11.41 -18.36
N GLN A 73 5.56 10.45 -18.85
CA GLN A 73 4.99 9.30 -19.52
C GLN A 73 4.12 8.47 -18.60
N LEU A 74 4.58 8.24 -17.37
CA LEU A 74 3.76 7.50 -16.42
C LEU A 74 2.45 8.22 -16.12
N GLN A 75 2.49 9.55 -15.94
CA GLN A 75 1.26 10.28 -15.65
CA GLN A 75 1.25 10.28 -15.66
C GLN A 75 0.29 10.25 -16.83
N ARG A 76 0.83 10.33 -18.04
CA ARG A 76 -0.03 10.33 -19.23
CA ARG A 76 -0.04 10.34 -19.22
C ARG A 76 -0.65 8.97 -19.48
N ASN A 77 0.14 7.91 -19.36
CA ASN A 77 -0.37 6.58 -19.66
CA ASN A 77 -0.37 6.57 -19.65
C ASN A 77 -1.15 5.99 -18.50
N TYR A 78 -0.79 6.32 -17.27
CA TYR A 78 -1.38 5.74 -16.06
C TYR A 78 -1.81 6.86 -15.14
N PRO A 79 -2.75 7.70 -15.56
CA PRO A 79 -3.12 8.89 -14.77
C PRO A 79 -3.73 8.57 -13.42
N THR A 80 -4.31 7.39 -13.26
CA THR A 80 -4.85 6.94 -11.98
C THR A 80 -4.00 5.85 -11.36
N GLY A 81 -2.77 5.67 -11.84
CA GLY A 81 -1.93 4.60 -11.33
C GLY A 81 -2.23 3.28 -11.99
N ILE A 82 -1.86 2.20 -11.30
CA ILE A 82 -1.81 0.85 -11.89
C ILE A 82 -2.97 -0.03 -11.45
N PHE A 83 -3.80 0.40 -10.51
CA PHE A 83 -4.81 -0.43 -9.87
C PHE A 83 -6.17 0.26 -9.94
N PRO A 84 -7.22 -0.45 -10.28
CA PRO A 84 -8.54 0.18 -10.36
C PRO A 84 -8.92 0.84 -9.03
N LEU A 85 -9.38 2.08 -9.11
CA LEU A 85 -9.70 2.87 -7.90
C LEU A 85 -11.19 2.69 -7.58
N GLN A 86 -11.54 1.49 -7.16
CA GLN A 86 -12.94 1.11 -7.00
CA GLN A 86 -12.94 1.11 -7.00
C GLN A 86 -13.44 1.35 -5.57
N SER A 87 -14.71 1.74 -5.49
CA SER A 87 -15.38 2.00 -4.23
C SER A 87 -16.84 1.61 -4.31
N ALA A 88 -17.34 0.94 -3.28
CA ALA A 88 -18.76 0.65 -3.14
C ALA A 88 -19.57 1.87 -2.71
N GLN A 89 -18.91 2.99 -2.42
CA GLN A 89 -19.58 4.22 -2.06
CA GLN A 89 -19.58 4.22 -2.07
C GLN A 89 -19.19 5.40 -2.96
N GLY A 90 -18.63 5.11 -4.14
CA GLY A 90 -18.31 6.18 -5.08
C GLY A 90 -17.17 7.09 -4.66
N ILE A 91 -16.38 6.69 -3.66
CA ILE A 91 -15.31 7.54 -3.11
C ILE A 91 -14.18 7.69 -4.12
N ASP A 92 -13.52 8.85 -4.06
CA ASP A 92 -12.38 9.17 -4.93
C ASP A 92 -11.09 8.80 -4.21
N TYR A 93 -10.40 7.77 -4.70
CA TYR A 93 -9.14 7.35 -4.13
C TYR A 93 -7.93 7.88 -4.88
N LEU A 94 -8.11 8.73 -5.87
CA LEU A 94 -6.95 9.27 -6.59
C LEU A 94 -6.00 10.07 -5.70
N PRO A 95 -6.46 10.95 -4.80
CA PRO A 95 -5.50 11.66 -3.94
C PRO A 95 -4.65 10.70 -3.10
N LEU A 96 -5.24 9.60 -2.63
CA LEU A 96 -4.44 8.60 -1.92
C LEU A 96 -3.38 8.00 -2.82
N GLN A 97 -3.79 7.60 -4.03
CA GLN A 97 -2.84 7.05 -5.00
C GLN A 97 -1.71 8.04 -5.29
N GLU A 98 -2.04 9.32 -5.44
CA GLU A 98 -1.05 10.32 -5.79
C GLU A 98 -0.04 10.49 -4.67
N ALA A 99 -0.51 10.51 -3.43
CA ALA A 99 0.40 10.61 -2.30
C ALA A 99 1.33 9.39 -2.26
N LEU A 100 0.79 8.20 -2.47
CA LEU A 100 1.60 6.98 -2.46
C LEU A 100 2.59 6.94 -3.63
N GLY A 101 2.15 7.37 -4.81
CA GLY A 101 3.05 7.40 -5.94
C GLY A 101 4.20 8.37 -5.75
N SER A 102 4.00 9.42 -4.96
CA SER A 102 5.05 10.35 -4.59
C SER A 102 5.85 9.87 -3.39
N GLN A 103 5.52 8.71 -2.82
CA GLN A 103 6.14 8.19 -1.61
C GLN A 103 5.99 9.16 -0.45
N ASP A 104 4.89 9.93 -0.44
CA ASP A 104 4.56 10.83 0.68
C ASP A 104 3.67 10.05 1.65
N PHE A 105 4.31 9.18 2.43
CA PHE A 105 3.56 8.24 3.26
C PHE A 105 2.81 8.95 4.40
N GLU A 106 3.30 10.07 4.89
CA GLU A 106 2.57 10.81 5.93
C GLU A 106 1.26 11.35 5.37
N THR A 107 1.30 11.99 4.21
CA THR A 107 0.05 12.42 3.58
C THR A 107 -0.86 11.25 3.31
N ALA A 108 -0.29 10.15 2.79
CA ALA A 108 -1.13 8.99 2.53
C ALA A 108 -1.82 8.49 3.79
N ASP A 109 -1.10 8.47 4.91
CA ASP A 109 -1.69 8.04 6.17
C ASP A 109 -2.84 8.95 6.58
N GLU A 110 -2.65 10.26 6.42
CA GLU A 110 -3.69 11.21 6.78
C GLU A 110 -4.92 11.03 5.89
N ILE A 111 -4.71 10.85 4.59
CA ILE A 111 -5.82 10.65 3.67
C ILE A 111 -6.56 9.36 4.01
N THR A 112 -5.81 8.29 4.32
CA THR A 112 -6.43 7.02 4.62
C THR A 112 -7.35 7.15 5.83
N ARG A 113 -6.89 7.84 6.88
CA ARG A 113 -7.69 8.00 8.08
C ARG A 113 -8.96 8.77 7.75
N ASP A 114 -8.86 9.82 6.93
CA ASP A 114 -10.05 10.58 6.54
C ASP A 114 -11.00 9.73 5.72
N LYS A 115 -10.47 8.92 4.80
CA LYS A 115 -11.32 8.10 3.95
C LYS A 115 -12.05 7.03 4.76
N LEU A 116 -11.41 6.47 5.78
CA LEU A 116 -12.12 5.49 6.59
C LEU A 116 -13.28 6.11 7.35
N CYS A 117 -13.12 7.36 7.82
CA CYS A 117 -14.28 8.02 8.41
C CYS A 117 -15.36 8.33 7.37
N GLU A 118 -14.95 8.80 6.18
CA GLU A 118 -15.90 9.04 5.10
C GLU A 118 -16.67 7.76 4.77
N LEU A 119 -15.97 6.63 4.76
CA LEU A 119 -16.59 5.34 4.45
C LEU A 119 -17.60 4.96 5.53
N ALA A 120 -17.29 5.27 6.80
CA ALA A 120 -18.16 4.89 7.89
C ALA A 120 -19.44 5.71 7.93
N GLY A 121 -19.41 6.92 7.41
CA GLY A 121 -20.60 7.72 7.33
C GLY A 121 -20.49 9.04 8.06
N PRO A 122 -21.62 9.75 8.15
CA PRO A 122 -21.58 11.12 8.68
C PRO A 122 -21.20 11.18 10.15
N GLY A 123 -21.63 10.21 10.95
CA GLY A 123 -21.29 10.23 12.36
C GLY A 123 -19.80 10.13 12.59
N ALA A 124 -19.15 9.20 11.90
CA ALA A 124 -17.70 9.07 12.01
C ALA A 124 -16.98 10.28 11.43
N SER A 125 -17.47 10.79 10.29
CA SER A 125 -16.88 11.98 9.71
C SER A 125 -16.97 13.16 10.66
N GLN A 126 -18.10 13.26 11.37
CA GLN A 126 -18.28 14.36 12.31
C GLN A 126 -17.39 14.21 13.54
N ARG A 127 -17.39 13.02 14.15
CA ARG A 127 -16.61 12.86 15.38
C ARG A 127 -15.12 12.67 15.11
N GLN A 128 -14.77 12.21 13.89
CA GLN A 128 -13.39 12.04 13.43
CA GLN A 128 -13.38 12.05 13.46
C GLN A 128 -12.70 10.86 14.11
N TRP A 129 -13.46 9.83 14.45
CA TRP A 129 -12.93 8.55 14.91
C TRP A 129 -14.01 7.50 14.72
N LEU A 130 -13.60 6.24 14.73
CA LEU A 130 -14.44 5.11 14.38
C LEU A 130 -14.91 4.32 15.59
N TYR A 131 -16.10 3.72 15.46
CA TYR A 131 -16.52 2.66 16.35
C TYR A 131 -16.19 1.32 15.67
N PHE A 132 -15.92 0.30 16.49
CA PHE A 132 -15.54 -1.01 15.93
C PHE A 132 -16.65 -1.58 15.05
N THR A 133 -17.92 -1.30 15.37
CA THR A 133 -19.00 -1.86 14.54
C THR A 133 -19.06 -1.21 13.16
N GLU A 134 -18.66 0.06 13.05
CA GLU A 134 -18.58 0.70 11.74
C GLU A 134 -17.53 0.04 10.88
N VAL A 135 -16.41 -0.35 11.49
CA VAL A 135 -15.36 -1.07 10.77
C VAL A 135 -15.88 -2.42 10.29
N GLU A 136 -16.58 -3.13 11.15
CA GLU A 136 -17.08 -4.45 10.78
C GLU A 136 -17.98 -4.39 9.57
N LYS A 137 -18.64 -3.24 9.36
CA LYS A 137 -19.61 -3.05 8.29
C LYS A 137 -19.01 -2.39 7.05
N PHE A 138 -17.72 -2.07 7.06
CA PHE A 138 -17.10 -1.47 5.89
C PHE A 138 -17.32 -2.39 4.68
N PRO A 139 -17.52 -1.84 3.49
CA PRO A 139 -17.51 -2.67 2.29
C PRO A 139 -16.12 -3.22 2.02
N ALA A 140 -16.06 -4.51 1.67
CA ALA A 140 -14.76 -5.11 1.37
C ALA A 140 -14.05 -4.42 0.22
N LEU A 141 -14.79 -3.99 -0.79
CA LEU A 141 -14.15 -3.47 -1.98
C LEU A 141 -13.27 -2.27 -1.65
N ASP A 142 -13.77 -1.35 -0.83
CA ASP A 142 -12.98 -0.15 -0.50
C ASP A 142 -11.74 -0.52 0.28
N LEU A 143 -11.88 -1.44 1.22
CA LEU A 143 -10.71 -1.85 1.99
C LEU A 143 -9.68 -2.50 1.09
N HIS A 144 -10.12 -3.25 0.09
CA HIS A 144 -9.21 -3.85 -0.87
C HIS A 144 -8.48 -2.79 -1.69
N THR A 145 -9.20 -1.79 -2.20
CA THR A 145 -8.55 -0.72 -2.94
C THR A 145 -7.52 0.00 -2.09
N ILE A 146 -7.93 0.39 -0.88
CA ILE A 146 -7.02 1.10 0.00
C ILE A 146 -5.77 0.27 0.28
N ASN A 147 -5.99 -0.99 0.67
CA ASN A 147 -4.86 -1.84 1.02
C ASN A 147 -3.97 -2.10 -0.18
N ALA A 148 -4.59 -2.36 -1.34
CA ALA A 148 -3.79 -2.60 -2.55
C ALA A 148 -2.86 -1.44 -2.85
N LEU A 149 -3.36 -0.22 -2.71
CA LEU A 149 -2.52 0.95 -3.00
C LEU A 149 -1.34 1.00 -2.03
N TRP A 150 -1.60 0.84 -0.74
CA TRP A 150 -0.51 0.84 0.23
C TRP A 150 0.54 -0.22 -0.08
N TRP A 151 0.07 -1.42 -0.39
CA TRP A 151 0.95 -2.56 -0.59
C TRP A 151 1.75 -2.43 -1.87
N LEU A 152 1.08 -2.06 -2.96
CA LEU A 152 1.74 -1.94 -4.26
C LEU A 152 2.78 -0.83 -4.29
N HIS A 153 2.59 0.23 -3.48
CA HIS A 153 3.46 1.39 -3.50
C HIS A 153 4.47 1.36 -2.36
N SER A 154 4.60 0.23 -1.66
CA SER A 154 5.53 0.10 -0.55
C SER A 154 6.35 -1.18 -0.64
N ASN A 155 6.41 -1.79 -1.80
CA ASN A 155 7.08 -3.08 -1.98
C ASN A 155 6.57 -4.11 -0.99
N GLY A 156 5.26 -4.06 -0.70
CA GLY A 156 4.63 -5.00 0.21
C GLY A 156 4.90 -4.75 1.68
N ASN A 157 5.53 -3.64 2.03
CA ASN A 157 5.93 -3.40 3.41
C ASN A 157 4.82 -2.79 4.25
N PHE A 158 3.89 -2.08 3.62
CA PHE A 158 2.83 -1.38 4.31
C PHE A 158 1.47 -1.92 3.89
N GLY A 159 0.49 -1.73 4.76
CA GLY A 159 -0.89 -2.13 4.51
C GLY A 159 -1.48 -2.84 5.72
N PHE A 160 -2.80 -2.74 5.84
CA PHE A 160 -3.47 -3.46 6.91
C PHE A 160 -3.33 -4.97 6.75
N SER A 161 -3.18 -5.45 5.51
CA SER A 161 -3.01 -6.89 5.30
C SER A 161 -1.70 -7.35 5.92
N VAL A 162 -0.69 -6.49 5.85
CA VAL A 162 0.62 -6.81 6.40
C VAL A 162 0.55 -6.88 7.91
N GLN A 163 -0.13 -5.90 8.53
CA GLN A 163 -0.33 -5.91 9.97
C GLN A 163 -1.12 -7.13 10.40
N ARG A 164 -2.16 -7.48 9.65
CA ARG A 164 -2.97 -8.64 10.00
C ARG A 164 -2.12 -9.90 10.07
N ARG A 165 -1.29 -10.12 9.06
CA ARG A 165 -0.48 -11.34 9.08
C ARG A 165 0.55 -11.31 10.20
N LEU A 166 1.10 -10.14 10.55
CA LEU A 166 1.98 -10.06 11.70
C LEU A 166 1.22 -10.30 13.00
N TRP A 167 -0.03 -9.85 13.07
CA TRP A 167 -0.88 -10.09 14.23
C TRP A 167 -1.16 -11.58 14.38
N LEU A 168 -1.48 -12.26 13.28
CA LEU A 168 -1.66 -13.71 13.33
C LEU A 168 -0.37 -14.40 13.74
N ALA A 169 0.78 -13.94 13.22
CA ALA A 169 2.06 -14.55 13.57
C ALA A 169 2.36 -14.37 15.04
N SER A 170 1.78 -13.36 15.69
CA SER A 170 1.97 -13.07 17.10
CA SER A 170 2.00 -13.11 17.10
C SER A 170 0.93 -13.75 17.98
N GLY A 171 0.16 -14.68 17.45
CA GLY A 171 -0.88 -15.29 18.25
C GLY A 171 -2.04 -14.37 18.58
N LYS A 172 -2.25 -13.36 17.76
CA LYS A 172 -3.30 -12.36 17.98
C LYS A 172 -3.09 -11.58 19.27
N GLU A 173 -1.84 -11.50 19.73
CA GLU A 173 -1.49 -10.74 20.93
C GLU A 173 -1.05 -9.35 20.52
N PHE A 174 -1.90 -8.36 20.75
CA PHE A 174 -1.59 -7.01 20.33
C PHE A 174 -0.32 -6.47 21.01
N THR A 175 -0.07 -6.85 22.26
CA THR A 175 1.13 -6.37 22.94
C THR A 175 2.41 -6.88 22.29
N LYS A 176 2.34 -7.98 21.55
CA LYS A 176 3.48 -8.43 20.76
C LYS A 176 3.53 -7.76 19.40
N LEU A 177 2.37 -7.35 18.87
CA LEU A 177 2.34 -6.70 17.57
C LEU A 177 2.96 -5.33 17.63
N TRP A 178 2.67 -4.54 18.66
CA TRP A 178 3.12 -3.15 18.63
C TRP A 178 4.62 -3.01 18.46
N PRO A 179 5.45 -3.71 19.24
CA PRO A 179 6.91 -3.60 19.00
C PRO A 179 7.31 -4.04 17.60
N LYS A 180 6.66 -5.08 17.09
N LYS A 180 6.66 -5.07 17.07
CA LYS A 180 7.01 -5.61 15.78
CA LYS A 180 7.07 -5.58 15.77
C LYS A 180 6.88 -4.53 14.71
C LYS A 180 6.88 -4.54 14.68
N ILE A 181 5.79 -3.76 14.77
CA ILE A 181 5.50 -2.75 13.76
C ILE A 181 5.97 -1.36 14.16
N GLY A 182 6.68 -1.23 15.27
CA GLY A 182 7.28 0.04 15.62
C GLY A 182 6.39 1.05 16.32
N TRP A 183 5.26 0.59 16.87
CA TRP A 183 4.32 1.49 17.52
C TRP A 183 4.55 1.60 19.03
N LYS A 184 5.36 0.72 19.61
CA LYS A 184 5.79 0.82 21.00
C LYS A 184 7.22 0.31 21.04
N SER A 185 8.01 0.90 21.92
CA SER A 185 9.38 0.50 22.18
C SER A 185 9.45 0.29 23.70
N GLY A 186 9.41 -0.98 24.10
CA GLY A 186 9.29 -1.30 25.51
C GLY A 186 8.06 -0.63 26.08
N ASN A 187 8.27 0.23 27.07
CA ASN A 187 7.17 0.94 27.72
C ASN A 187 6.73 2.20 26.98
N VAL A 188 7.44 2.60 25.93
CA VAL A 188 7.26 3.90 25.30
C VAL A 188 6.39 3.76 24.05
N TRP A 189 5.22 4.38 24.07
CA TRP A 189 4.41 4.46 22.86
C TRP A 189 5.05 5.44 21.88
N THR A 190 5.10 5.06 20.61
CA THR A 190 5.63 5.96 19.59
C THR A 190 4.69 7.15 19.48
N ARG A 191 5.26 8.35 19.59
CA ARG A 191 4.43 9.55 19.69
C ARG A 191 3.99 10.02 18.31
N TRP A 192 2.70 10.27 18.16
CA TRP A 192 2.20 10.72 16.86
C TRP A 192 2.23 12.25 16.76
N PRO A 193 2.66 12.82 15.63
CA PRO A 193 3.16 12.12 14.43
C PRO A 193 4.69 12.02 14.36
N LYS A 194 5.37 12.79 15.19
CA LYS A 194 6.81 12.97 15.01
C LYS A 194 7.63 11.71 15.27
N GLY A 195 7.12 10.79 16.10
CA GLY A 195 7.87 9.58 16.41
C GLY A 195 7.89 8.54 15.31
N PHE A 196 7.01 8.65 14.33
CA PHE A 196 6.85 7.63 13.31
C PHE A 196 7.85 7.83 12.17
N THR A 197 8.08 6.74 11.44
CA THR A 197 9.07 6.68 10.35
C THR A 197 8.30 6.68 9.04
N TRP A 198 8.25 7.83 8.39
CA TRP A 198 7.41 8.04 7.21
C TRP A 198 8.11 7.69 5.91
N ASP A 199 8.82 6.55 5.88
CA ASP A 199 9.56 6.13 4.70
C ASP A 199 9.76 4.62 4.79
N LEU A 200 10.37 4.04 3.74
CA LEU A 200 10.48 2.59 3.61
C LEU A 200 11.57 1.97 4.49
N SER A 201 12.30 2.78 5.25
CA SER A 201 13.16 2.20 6.28
C SER A 201 12.36 1.73 7.50
N ALA A 202 11.07 2.07 7.56
CA ALA A 202 10.23 1.67 8.66
C ALA A 202 10.07 0.15 8.67
N PRO A 203 9.76 -0.42 9.84
CA PRO A 203 9.51 -1.86 9.89
C PRO A 203 8.28 -2.25 9.09
N GLN A 204 8.27 -3.50 8.67
CA GLN A 204 7.12 -4.06 7.99
C GLN A 204 5.87 -3.86 8.83
N GLY A 205 4.81 -3.38 8.20
CA GLY A 205 3.56 -3.12 8.88
C GLY A 205 3.45 -1.81 9.61
N HIS A 206 4.44 -0.92 9.48
CA HIS A 206 4.44 0.32 10.28
C HIS A 206 3.25 1.20 9.96
N LEU A 207 2.80 1.18 8.72
CA LEU A 207 1.72 2.02 8.23
C LEU A 207 0.70 1.19 7.48
N PRO A 208 -0.57 1.62 7.43
CA PRO A 208 -1.14 2.86 8.02
C PRO A 208 -1.33 2.77 9.52
N LEU A 209 -1.42 3.91 10.17
CA LEU A 209 -1.55 3.95 11.62
C LEU A 209 -2.99 3.72 12.06
N LEU A 210 -3.13 3.08 13.22
CA LEU A 210 -4.39 2.87 13.91
C LEU A 210 -4.19 3.33 15.36
N ASN A 211 -4.64 4.53 15.68
CA ASN A 211 -4.49 5.06 17.03
C ASN A 211 -5.07 4.10 18.06
N GLN A 212 -4.32 3.88 19.14
CA GLN A 212 -4.74 3.01 20.24
C GLN A 212 -5.35 3.78 21.41
N LEU A 213 -5.60 5.09 21.26
CA LEU A 213 -6.16 5.90 22.34
C LEU A 213 -7.51 5.36 22.82
N ARG A 214 -8.31 4.76 21.94
CA ARG A 214 -9.58 4.17 22.31
C ARG A 214 -9.53 2.67 22.26
N GLY A 215 -8.34 2.10 22.46
CA GLY A 215 -8.20 0.66 22.57
C GLY A 215 -8.10 -0.03 21.22
N VAL A 216 -7.98 -1.36 21.30
CA VAL A 216 -7.66 -2.12 20.10
CA VAL A 216 -7.67 -2.18 20.14
C VAL A 216 -8.89 -2.61 19.34
N ARG A 217 -10.09 -2.25 19.77
CA ARG A 217 -11.29 -2.84 19.18
C ARG A 217 -11.40 -2.54 17.69
N VAL A 218 -11.10 -1.32 17.28
CA VAL A 218 -11.13 -0.98 15.85
C VAL A 218 -10.13 -1.82 15.07
N ALA A 219 -8.89 -1.90 15.56
CA ALA A 219 -7.88 -2.67 14.83
C ALA A 219 -8.28 -4.13 14.72
N GLU A 220 -8.79 -4.71 15.81
CA GLU A 220 -9.16 -6.13 15.75
C GLU A 220 -10.28 -6.36 14.76
N SER A 221 -11.31 -5.49 14.80
CA SER A 221 -12.40 -5.61 13.84
C SER A 221 -11.88 -5.47 12.42
N LEU A 222 -10.90 -4.59 12.19
CA LEU A 222 -10.35 -4.41 10.86
C LEU A 222 -9.62 -5.68 10.44
N TYR A 223 -8.79 -6.23 11.32
CA TYR A 223 -8.03 -7.42 10.94
C TYR A 223 -8.91 -8.65 10.77
N ARG A 224 -10.06 -8.72 11.43
CA ARG A 224 -10.99 -9.84 11.28
C ARG A 224 -11.97 -9.66 10.13
N HIS A 225 -11.95 -8.52 9.46
CA HIS A 225 -12.89 -8.25 8.39
C HIS A 225 -12.76 -9.29 7.29
N PRO A 226 -13.87 -9.69 6.67
CA PRO A 226 -13.80 -10.75 5.64
C PRO A 226 -13.03 -10.37 4.39
N VAL A 227 -12.74 -9.09 4.18
CA VAL A 227 -12.04 -8.68 2.96
C VAL A 227 -10.75 -9.46 2.75
N TRP A 228 -9.99 -9.71 3.82
CA TRP A 228 -8.64 -10.24 3.63
C TRP A 228 -8.69 -11.63 3.00
N SER A 229 -9.50 -12.52 3.57
CA SER A 229 -9.65 -13.86 2.99
CA SER A 229 -9.64 -13.86 2.99
C SER A 229 -10.34 -13.79 1.64
N GLN A 230 -11.33 -12.92 1.51
CA GLN A 230 -12.08 -12.83 0.26
C GLN A 230 -11.16 -12.52 -0.91
N TYR A 231 -10.21 -11.61 -0.72
CA TYR A 231 -9.35 -11.14 -1.81
C TYR A 231 -7.95 -11.76 -1.77
N GLY A 232 -7.72 -12.75 -0.90
CA GLY A 232 -6.45 -13.46 -0.92
C GLY A 232 -5.30 -12.71 -0.31
N TRP A 233 -5.56 -11.82 0.64
CA TRP A 233 -4.53 -11.10 1.33
C TRP A 233 -3.95 -11.87 2.50
#